data_9OW9
#
_entry.id   9OW9
#
_cell.length_a   58.141
_cell.length_b   58.215
_cell.length_c   133.287
_cell.angle_alpha   90.00
_cell.angle_beta   90.00
_cell.angle_gamma   90.00
#
_symmetry.space_group_name_H-M   'P 21 21 21'
#
loop_
_entity.id
_entity.type
_entity.pdbx_description
1 polymer "Bifunctional 3'-5' exonuclease/ATP-dependent helicase WRN"
2 non-polymer 'ZINC ION'
3 non-polymer "2-[(9R)-1'-[(1,3-benzoxazol-2-yl)acetyl]-2-(morpholin-4-yl)-8-oxo-5,8-dihydro-4H-spiro[furo[3,4-d][1,2,4]triazolo[1,5-a]pyrimidine-7,4'-piperidin]-4-yl]-N-[2-chloro-4-(trifluoromethyl)phenyl]acetamide"
4 water water
#
_entity_poly.entity_id   1
_entity_poly.type   'polypeptide(L)'
_entity_poly.pdbx_seq_one_letter_code
;NLGLPTKEEEEDDENEANEGEEDDDKDFLWPAPNEEQVTCLKMYFGHSSFKPVQWKVIHSVLEERRDNVAVMATGYGKSL
CFQYPPVYVGKIGLVISPLISLMEDQVLQLKMSNIPACFLGSAQSENVLTDIKLGKYRIVYVTPEYCSGNMGLLQQLEAD
IGITLIAVDEAHCISEWGHDFRDSFRKLGSLKTALPMVPIVALTATASSSIREDIVRCLNLRNPQITCTGFDRPNLYLEV
RRKTGNILQDLQPFLVKTSSHWEFEGPTIIYCPSRKMTQQVTGELRKLNLSCGTYHAGMSFSTRKDIHHRFVRDEIQCVI
ATIAFGMGINKADIRQVIHYGAPKDMESYYQEIGRAGRDGLQSSCHVLWAPADINLNRHLLTEIRNEKFRLYKLKMMAKM
EKYLHSSRCRRQIILSHFEDKQVQKASLGIMGTEKCCDNCRSR
;
_entity_poly.pdbx_strand_id   A
#
# COMPACT_ATOMS: atom_id res chain seq x y z
N ASP A 24 9.52 15.93 -11.93
CA ASP A 24 8.31 15.22 -12.46
C ASP A 24 8.06 13.96 -11.61
N ASP A 25 6.82 13.79 -11.13
CA ASP A 25 6.38 12.64 -10.30
C ASP A 25 6.18 11.40 -11.18
N LYS A 26 5.72 11.60 -12.42
CA LYS A 26 5.43 10.54 -13.43
C LYS A 26 6.67 9.65 -13.68
N ASP A 27 7.88 10.21 -13.52
CA ASP A 27 9.18 9.48 -13.59
C ASP A 27 9.21 8.31 -12.60
N PHE A 28 8.58 8.46 -11.42
CA PHE A 28 8.65 7.51 -10.28
C PHE A 28 7.49 6.49 -10.31
N LEU A 29 6.82 6.34 -11.45
CA LEU A 29 5.70 5.37 -11.64
C LEU A 29 6.12 4.32 -12.66
N TRP A 30 5.82 3.04 -12.37
CA TRP A 30 6.07 1.88 -13.28
C TRP A 30 4.80 1.04 -13.41
N PRO A 31 4.26 0.81 -14.64
CA PRO A 31 4.72 1.48 -15.85
C PRO A 31 4.52 3.00 -15.80
N ALA A 32 5.16 3.74 -16.70
CA ALA A 32 4.89 5.18 -16.89
C ALA A 32 3.46 5.31 -17.39
N PRO A 33 2.56 6.10 -16.74
CA PRO A 33 1.29 6.45 -17.36
C PRO A 33 1.53 7.11 -18.71
N ASN A 34 0.84 6.65 -19.77
CA ASN A 34 0.98 7.16 -21.16
C ASN A 34 0.42 8.58 -21.23
N GLU A 35 0.52 9.22 -22.40
CA GLU A 35 0.24 10.67 -22.59
C GLU A 35 -1.28 10.91 -22.53
N GLU A 36 -2.08 9.99 -23.09
CA GLU A 36 -3.56 10.08 -23.12
C GLU A 36 -4.11 9.87 -21.71
N GLN A 37 -3.51 8.96 -20.93
CA GLN A 37 -3.82 8.74 -19.49
C GLN A 37 -3.65 10.05 -18.70
N VAL A 38 -2.53 10.75 -18.90
CA VAL A 38 -2.24 12.08 -18.26
C VAL A 38 -3.29 13.09 -18.72
N THR A 39 -3.49 13.21 -20.04
CA THR A 39 -4.48 14.14 -20.68
C THR A 39 -5.85 13.94 -20.03
N CYS A 40 -6.29 12.67 -19.94
CA CYS A 40 -7.61 12.23 -19.39
C CYS A 40 -7.78 12.68 -17.95
N LEU A 41 -6.72 12.60 -17.14
CA LEU A 41 -6.75 12.94 -15.68
C LEU A 41 -6.98 14.44 -15.52
N LYS A 42 -6.23 15.27 -16.26
CA LYS A 42 -6.35 16.75 -16.22
C LYS A 42 -7.74 17.17 -16.75
N MET A 43 -8.21 16.50 -17.82
CA MET A 43 -9.48 16.88 -18.52
C MET A 43 -10.67 16.72 -17.57
N TYR A 44 -10.78 15.56 -16.92
CA TYR A 44 -12.01 15.07 -16.25
C TYR A 44 -11.92 15.16 -14.71
N PHE A 45 -10.73 15.37 -14.13
CA PHE A 45 -10.52 15.42 -12.65
C PHE A 45 -9.66 16.62 -12.21
N GLY A 46 -8.79 17.13 -13.09
CA GLY A 46 -8.06 18.40 -12.88
C GLY A 46 -6.84 18.21 -12.01
N HIS A 47 -6.03 17.20 -12.31
CA HIS A 47 -4.76 16.86 -11.60
C HIS A 47 -3.61 16.73 -12.61
N SER A 48 -2.40 17.03 -12.16
CA SER A 48 -1.14 17.00 -12.95
C SER A 48 -0.59 15.58 -13.04
N SER A 49 -0.58 14.85 -11.92
CA SER A 49 0.03 13.49 -11.79
C SER A 49 -0.77 12.62 -10.82
N PHE A 50 -0.68 11.30 -10.99
CA PHE A 50 -1.17 10.25 -10.05
C PHE A 50 -0.17 10.12 -8.90
N LYS A 51 -0.66 9.88 -7.68
CA LYS A 51 0.19 9.46 -6.52
C LYS A 51 0.48 7.96 -6.63
N PRO A 52 1.65 7.47 -6.14
CA PRO A 52 2.01 6.05 -6.26
C PRO A 52 0.94 4.99 -5.95
N VAL A 53 0.11 5.21 -4.92
CA VAL A 53 -0.96 4.24 -4.52
C VAL A 53 -2.08 4.28 -5.56
N GLN A 54 -2.53 5.47 -5.96
CA GLN A 54 -3.59 5.67 -6.98
C GLN A 54 -3.20 4.92 -8.25
N TRP A 55 -1.99 5.17 -8.76
CA TRP A 55 -1.43 4.52 -9.96
C TRP A 55 -1.39 2.99 -9.78
N LYS A 56 -0.86 2.52 -8.65
CA LYS A 56 -0.83 1.07 -8.27
C LYS A 56 -2.20 0.46 -8.51
N VAL A 57 -3.26 1.04 -7.92
CA VAL A 57 -4.64 0.50 -7.94
C VAL A 57 -5.17 0.59 -9.38
N ILE A 58 -5.12 1.78 -9.97
CA ILE A 58 -5.64 2.08 -11.34
C ILE A 58 -5.03 1.11 -12.36
N HIS A 59 -3.70 1.02 -12.39
CA HIS A 59 -2.94 0.21 -13.36
C HIS A 59 -3.30 -1.27 -13.16
N SER A 60 -3.30 -1.76 -11.91
CA SER A 60 -3.62 -3.18 -11.58
C SER A 60 -5.08 -3.50 -11.93
N VAL A 61 -5.98 -2.50 -11.94
CA VAL A 61 -7.37 -2.65 -12.45
C VAL A 61 -7.35 -2.72 -13.98
N LEU A 62 -6.83 -1.68 -14.66
CA LEU A 62 -6.90 -1.53 -16.14
C LEU A 62 -6.19 -2.69 -16.86
N GLU A 63 -4.95 -3.01 -16.47
CA GLU A 63 -4.04 -3.89 -17.27
C GLU A 63 -4.00 -5.32 -16.72
N GLU A 64 -4.03 -5.50 -15.40
CA GLU A 64 -3.94 -6.84 -14.75
C GLU A 64 -5.32 -7.37 -14.34
N ARG A 65 -6.36 -6.52 -14.27
CA ARG A 65 -7.77 -6.90 -13.97
C ARG A 65 -7.80 -7.56 -12.59
N ARG A 66 -7.02 -7.02 -11.67
CA ARG A 66 -6.68 -7.64 -10.36
C ARG A 66 -7.59 -7.03 -9.28
N ASP A 67 -8.24 -7.89 -8.49
CA ASP A 67 -9.00 -7.49 -7.29
C ASP A 67 -8.07 -6.67 -6.40
N ASN A 68 -8.61 -5.65 -5.72
CA ASN A 68 -7.87 -4.76 -4.79
C ASN A 68 -8.60 -4.68 -3.46
N VAL A 69 -7.85 -4.50 -2.37
CA VAL A 69 -8.35 -4.02 -1.05
C VAL A 69 -7.59 -2.73 -0.70
N ALA A 70 -8.25 -1.59 -0.79
CA ALA A 70 -7.63 -0.25 -0.63
C ALA A 70 -8.00 0.30 0.75
N VAL A 71 -7.07 0.24 1.72
CA VAL A 71 -7.26 0.82 3.08
C VAL A 71 -6.91 2.31 3.00
N MET A 72 -7.85 3.18 3.39
CA MET A 72 -7.74 4.65 3.27
C MET A 72 -8.39 5.34 4.46
N ALA A 73 -7.59 6.07 5.26
CA ALA A 73 -7.99 6.76 6.52
C ALA A 73 -9.01 7.87 6.25
N THR A 74 -9.01 8.46 5.05
CA THR A 74 -10.00 9.48 4.58
C THR A 74 -10.32 9.30 3.10
N GLY A 75 -11.32 10.03 2.60
CA GLY A 75 -11.70 10.09 1.18
C GLY A 75 -10.95 11.17 0.42
N TYR A 76 -9.64 11.31 0.66
CA TYR A 76 -8.72 12.26 -0.04
C TYR A 76 -7.88 11.46 -1.03
N GLY A 77 -8.26 11.50 -2.32
CA GLY A 77 -7.66 10.71 -3.41
C GLY A 77 -8.19 9.29 -3.46
N LYS A 78 -9.32 9.04 -2.79
CA LYS A 78 -9.96 7.71 -2.68
C LYS A 78 -10.84 7.46 -3.91
N SER A 79 -11.58 8.47 -4.35
CA SER A 79 -12.56 8.39 -5.47
C SER A 79 -11.85 8.09 -6.81
N LEU A 80 -10.71 8.76 -7.07
CA LEU A 80 -9.98 8.67 -8.37
C LEU A 80 -9.69 7.20 -8.70
N CYS A 81 -9.35 6.40 -7.67
CA CYS A 81 -9.01 4.96 -7.78
C CYS A 81 -10.09 4.19 -8.54
N PHE A 82 -11.38 4.44 -8.25
CA PHE A 82 -12.50 3.68 -8.86
C PHE A 82 -13.25 4.52 -9.91
N GLN A 83 -13.12 5.84 -9.91
CA GLN A 83 -13.79 6.73 -10.90
C GLN A 83 -12.97 6.82 -12.20
N TYR A 84 -11.65 6.94 -12.11
CA TYR A 84 -10.76 7.15 -13.28
C TYR A 84 -10.83 5.99 -14.26
N PRO A 85 -10.70 4.71 -13.84
CA PRO A 85 -10.60 3.60 -14.80
C PRO A 85 -11.71 3.55 -15.85
N PRO A 86 -13.03 3.54 -15.50
CA PRO A 86 -14.08 3.48 -16.52
C PRO A 86 -14.19 4.74 -17.39
N VAL A 87 -13.74 5.89 -16.87
CA VAL A 87 -13.69 7.17 -17.64
C VAL A 87 -12.65 7.02 -18.76
N TYR A 88 -11.44 6.56 -18.44
CA TYR A 88 -10.31 6.40 -19.39
C TYR A 88 -10.67 5.41 -20.51
N VAL A 89 -11.24 4.25 -20.17
CA VAL A 89 -11.60 3.20 -21.17
C VAL A 89 -12.98 3.51 -21.79
N GLY A 90 -13.76 4.40 -21.18
CA GLY A 90 -15.09 4.81 -21.67
C GLY A 90 -16.09 3.66 -21.67
N LYS A 91 -16.08 2.83 -20.62
CA LYS A 91 -17.02 1.68 -20.46
C LYS A 91 -17.90 1.98 -19.24
N ILE A 92 -18.05 1.05 -18.30
CA ILE A 92 -18.90 1.28 -17.08
C ILE A 92 -18.14 0.82 -15.82
N GLY A 93 -18.23 1.63 -14.76
CA GLY A 93 -17.83 1.31 -13.38
C GLY A 93 -19.04 1.28 -12.45
N LEU A 94 -19.03 0.38 -11.48
CA LEU A 94 -20.13 0.18 -10.50
C LEU A 94 -19.59 0.51 -9.12
N VAL A 95 -20.16 1.51 -8.43
CA VAL A 95 -19.82 1.84 -7.02
C VAL A 95 -20.97 1.35 -6.15
N ILE A 96 -20.71 0.34 -5.31
CA ILE A 96 -21.66 -0.23 -4.33
C ILE A 96 -21.36 0.40 -2.96
N SER A 97 -22.27 1.24 -2.46
CA SER A 97 -22.11 2.00 -1.19
C SER A 97 -23.44 2.13 -0.47
N PRO A 98 -23.46 2.08 0.89
CA PRO A 98 -24.64 2.45 1.68
C PRO A 98 -24.75 3.95 2.01
N LEU A 99 -23.68 4.74 1.80
CA LEU A 99 -23.59 6.18 2.16
C LEU A 99 -24.30 7.02 1.09
N ILE A 100 -25.63 7.10 1.21
CA ILE A 100 -26.57 7.68 0.20
C ILE A 100 -26.10 9.09 -0.18
N SER A 101 -26.03 9.99 0.80
CA SER A 101 -25.80 11.44 0.59
C SER A 101 -24.38 11.66 0.05
N LEU A 102 -23.43 10.84 0.47
CA LEU A 102 -22.03 10.87 -0.06
C LEU A 102 -22.04 10.48 -1.54
N MET A 103 -22.86 9.49 -1.91
CA MET A 103 -23.03 9.02 -3.30
C MET A 103 -23.67 10.14 -4.14
N GLU A 104 -24.67 10.83 -3.60
CA GLU A 104 -25.39 11.95 -4.29
C GLU A 104 -24.41 13.09 -4.56
N ASP A 105 -23.50 13.39 -3.63
CA ASP A 105 -22.50 14.49 -3.78
C ASP A 105 -21.51 14.14 -4.90
N GLN A 106 -21.11 12.86 -4.99
CA GLN A 106 -20.10 12.37 -5.95
C GLN A 106 -20.73 12.28 -7.35
N VAL A 107 -21.98 11.82 -7.44
CA VAL A 107 -22.77 11.83 -8.72
C VAL A 107 -22.80 13.27 -9.24
N LEU A 108 -23.10 14.25 -8.39
CA LEU A 108 -23.16 15.68 -8.82
C LEU A 108 -21.77 16.14 -9.28
N GLN A 109 -20.70 15.84 -8.51
CA GLN A 109 -19.30 16.26 -8.84
C GLN A 109 -18.89 15.69 -10.20
N LEU A 110 -19.24 14.43 -10.50
CA LEU A 110 -18.97 13.77 -11.80
C LEU A 110 -19.74 14.49 -12.92
N LYS A 111 -21.03 14.76 -12.71
CA LYS A 111 -21.89 15.45 -13.71
C LYS A 111 -21.27 16.80 -14.07
N MET A 112 -20.80 17.54 -13.06
CA MET A 112 -20.21 18.91 -13.19
C MET A 112 -18.83 18.84 -13.86
N SER A 113 -18.17 17.68 -13.84
CA SER A 113 -16.86 17.43 -14.51
C SER A 113 -17.08 16.80 -15.89
N ASN A 114 -18.31 16.84 -16.41
CA ASN A 114 -18.69 16.37 -17.76
C ASN A 114 -18.52 14.84 -17.85
N ILE A 115 -18.60 14.14 -16.71
CA ILE A 115 -18.62 12.64 -16.64
C ILE A 115 -20.08 12.25 -16.43
N PRO A 116 -20.73 11.52 -17.36
CA PRO A 116 -22.12 11.11 -17.17
C PRO A 116 -22.18 10.03 -16.08
N ALA A 117 -22.97 10.27 -15.03
CA ALA A 117 -23.13 9.36 -13.85
C ALA A 117 -24.53 9.50 -13.26
N CYS A 118 -25.04 8.40 -12.69
CA CYS A 118 -26.38 8.34 -12.05
C CYS A 118 -26.32 7.57 -10.71
N PHE A 119 -27.30 7.84 -9.85
CA PHE A 119 -27.71 6.97 -8.73
C PHE A 119 -28.77 6.02 -9.29
N LEU A 120 -28.53 4.71 -9.23
CA LEU A 120 -29.52 3.68 -9.63
C LEU A 120 -30.12 3.06 -8.37
N GLY A 121 -31.45 3.18 -8.23
CA GLY A 121 -32.29 2.50 -7.24
C GLY A 121 -33.68 2.25 -7.81
N SER A 122 -34.50 1.45 -7.11
CA SER A 122 -35.88 1.09 -7.50
C SER A 122 -36.71 2.34 -7.85
N ALA A 123 -36.58 3.41 -7.07
CA ALA A 123 -37.29 4.70 -7.29
C ALA A 123 -36.79 5.37 -8.58
N GLN A 124 -35.49 5.31 -8.86
CA GLN A 124 -34.84 6.05 -9.97
C GLN A 124 -34.88 5.22 -11.26
N SER A 125 -35.11 3.91 -11.17
CA SER A 125 -34.94 2.89 -12.25
C SER A 125 -35.55 3.38 -13.57
N GLU A 126 -36.83 3.78 -13.56
CA GLU A 126 -37.63 4.13 -14.77
C GLU A 126 -36.97 5.26 -15.57
N ASN A 127 -36.27 6.18 -14.89
CA ASN A 127 -35.61 7.36 -15.52
C ASN A 127 -34.23 7.00 -16.07
N VAL A 128 -33.50 6.07 -15.44
CA VAL A 128 -32.03 5.84 -15.68
C VAL A 128 -31.74 4.48 -16.36
N LEU A 129 -32.53 3.43 -16.10
CA LEU A 129 -32.12 2.01 -16.37
C LEU A 129 -31.89 1.81 -17.88
N THR A 130 -32.83 2.22 -18.73
CA THR A 130 -32.72 2.11 -20.21
C THR A 130 -31.38 2.72 -20.66
N ASP A 131 -31.03 3.90 -20.14
CA ASP A 131 -29.81 4.67 -20.51
C ASP A 131 -28.54 3.92 -20.06
N ILE A 132 -28.59 3.29 -18.87
CA ILE A 132 -27.50 2.46 -18.30
C ILE A 132 -27.28 1.24 -19.20
N LYS A 133 -28.39 0.59 -19.61
CA LYS A 133 -28.39 -0.65 -20.44
C LYS A 133 -27.79 -0.34 -21.82
N LEU A 134 -28.03 0.86 -22.36
CA LEU A 134 -27.55 1.33 -23.70
C LEU A 134 -26.20 2.05 -23.58
N GLY A 135 -25.54 2.00 -22.41
CA GLY A 135 -24.14 2.42 -22.21
C GLY A 135 -23.94 3.93 -22.18
N LYS A 136 -24.93 4.70 -21.68
CA LYS A 136 -24.89 6.19 -21.66
C LYS A 136 -24.25 6.71 -20.37
N TYR A 137 -23.93 5.86 -19.40
CA TYR A 137 -23.31 6.26 -18.11
C TYR A 137 -21.93 5.62 -17.96
N ARG A 138 -20.91 6.41 -17.60
CA ARG A 138 -19.56 5.92 -17.20
C ARG A 138 -19.63 5.27 -15.82
N ILE A 139 -20.29 5.90 -14.83
CA ILE A 139 -20.26 5.49 -13.40
C ILE A 139 -21.69 5.42 -12.86
N VAL A 140 -22.10 4.23 -12.42
CA VAL A 140 -23.41 3.97 -11.76
C VAL A 140 -23.14 3.68 -10.27
N TYR A 141 -23.63 4.54 -9.38
CA TYR A 141 -23.72 4.30 -7.91
C TYR A 141 -25.00 3.49 -7.62
N VAL A 142 -24.90 2.45 -6.79
CA VAL A 142 -26.05 1.62 -6.30
C VAL A 142 -25.87 1.27 -4.82
N THR A 143 -26.96 1.04 -4.10
CA THR A 143 -26.95 0.42 -2.74
C THR A 143 -26.66 -1.07 -2.89
N PRO A 144 -26.10 -1.73 -1.84
CA PRO A 144 -25.98 -3.19 -1.83
C PRO A 144 -27.33 -3.91 -1.88
N GLU A 145 -28.37 -3.32 -1.29
CA GLU A 145 -29.78 -3.80 -1.36
C GLU A 145 -30.15 -4.05 -2.82
N TYR A 146 -30.10 -3.01 -3.65
CA TYR A 146 -30.54 -3.01 -5.07
C TYR A 146 -29.70 -4.00 -5.89
N CYS A 147 -28.37 -3.99 -5.68
CA CYS A 147 -27.38 -4.83 -6.40
C CYS A 147 -27.68 -6.32 -6.23
N SER A 148 -28.07 -6.73 -5.01
CA SER A 148 -28.40 -8.13 -4.62
C SER A 148 -29.48 -8.73 -5.52
N GLY A 149 -30.48 -7.92 -5.93
CA GLY A 149 -31.61 -8.36 -6.76
C GLY A 149 -31.30 -8.40 -8.25
N ASN A 150 -30.44 -7.48 -8.73
CA ASN A 150 -30.27 -7.18 -10.17
C ASN A 150 -28.91 -7.70 -10.67
N MET A 151 -28.51 -8.92 -10.28
CA MET A 151 -27.26 -9.58 -10.76
C MET A 151 -27.37 -9.86 -12.27
N GLY A 152 -28.59 -10.12 -12.77
CA GLY A 152 -28.89 -10.31 -14.21
C GLY A 152 -28.61 -9.06 -15.02
N LEU A 153 -28.91 -7.88 -14.47
CA LEU A 153 -28.56 -6.55 -15.05
C LEU A 153 -27.04 -6.43 -15.17
N LEU A 154 -26.29 -6.84 -14.15
CA LEU A 154 -24.80 -6.75 -14.14
C LEU A 154 -24.24 -7.66 -15.25
N GLN A 155 -24.73 -8.90 -15.37
CA GLN A 155 -24.29 -9.87 -16.41
C GLN A 155 -24.59 -9.29 -17.79
N GLN A 156 -25.73 -8.63 -17.96
CA GLN A 156 -26.13 -7.96 -19.24
C GLN A 156 -25.09 -6.86 -19.56
N LEU A 157 -24.75 -6.02 -18.58
CA LEU A 157 -23.82 -4.87 -18.77
C LEU A 157 -22.42 -5.38 -19.10
N GLU A 158 -21.96 -6.44 -18.44
CA GLU A 158 -20.69 -7.15 -18.74
C GLU A 158 -20.72 -7.62 -20.20
N ALA A 159 -21.85 -8.18 -20.64
CA ALA A 159 -22.03 -8.81 -21.97
C ALA A 159 -22.06 -7.74 -23.09
N ASP A 160 -22.61 -6.55 -22.83
CA ASP A 160 -22.96 -5.55 -23.87
C ASP A 160 -21.99 -4.36 -23.87
N ILE A 161 -21.42 -4.03 -22.72
CA ILE A 161 -20.46 -2.90 -22.54
C ILE A 161 -19.13 -3.44 -22.00
N GLY A 162 -19.19 -4.31 -20.98
CA GLY A 162 -18.02 -4.74 -20.19
C GLY A 162 -17.83 -3.83 -19.00
N ILE A 163 -17.81 -4.39 -17.79
CA ILE A 163 -17.64 -3.64 -16.51
C ILE A 163 -16.14 -3.55 -16.21
N THR A 164 -15.61 -2.32 -16.20
CA THR A 164 -14.20 -2.01 -15.87
C THR A 164 -13.89 -2.50 -14.44
N LEU A 165 -14.78 -2.19 -13.49
CA LEU A 165 -14.61 -2.59 -12.06
C LEU A 165 -15.93 -2.44 -11.31
N ILE A 166 -16.01 -3.10 -10.15
CA ILE A 166 -17.04 -2.87 -9.10
C ILE A 166 -16.29 -2.38 -7.86
N ALA A 167 -16.58 -1.17 -7.41
CA ALA A 167 -16.10 -0.62 -6.12
C ALA A 167 -17.12 -1.00 -5.03
N VAL A 168 -16.64 -1.66 -3.97
CA VAL A 168 -17.41 -1.92 -2.71
C VAL A 168 -16.79 -1.03 -1.64
N ASP A 169 -17.40 0.14 -1.40
CA ASP A 169 -17.03 1.07 -0.30
C ASP A 169 -17.58 0.51 1.02
N GLU A 170 -17.01 0.95 2.15
CA GLU A 170 -17.35 0.50 3.52
C GLU A 170 -17.31 -1.04 3.55
N ALA A 171 -16.29 -1.64 2.93
CA ALA A 171 -16.17 -3.10 2.72
C ALA A 171 -16.15 -3.83 4.08
N HIS A 172 -15.67 -3.17 5.14
CA HIS A 172 -15.66 -3.66 6.55
C HIS A 172 -17.06 -4.08 7.02
N CYS A 173 -18.13 -3.51 6.43
CA CYS A 173 -19.55 -3.80 6.74
C CYS A 173 -19.92 -5.25 6.41
N ILE A 174 -19.14 -5.96 5.59
CA ILE A 174 -19.38 -7.40 5.27
C ILE A 174 -18.98 -8.30 6.46
N SER A 175 -18.14 -7.80 7.38
CA SER A 175 -17.55 -8.59 8.50
C SER A 175 -18.46 -8.56 9.73
N GLU A 176 -18.91 -9.73 10.20
CA GLU A 176 -19.65 -9.93 11.48
C GLU A 176 -18.79 -9.47 12.67
N TRP A 177 -17.46 -9.60 12.56
CA TRP A 177 -16.47 -9.28 13.63
C TRP A 177 -16.09 -7.79 13.61
N GLY A 178 -16.55 -7.03 12.60
CA GLY A 178 -16.39 -5.57 12.53
C GLY A 178 -17.37 -4.83 13.43
N HIS A 179 -17.25 -3.50 13.50
CA HIS A 179 -18.03 -2.60 14.40
C HIS A 179 -19.28 -2.03 13.70
N ASP A 180 -19.41 -2.15 12.38
CA ASP A 180 -20.48 -1.52 11.55
C ASP A 180 -21.03 -2.57 10.57
N PHE A 181 -21.55 -3.70 11.07
CA PHE A 181 -22.02 -4.83 10.24
C PHE A 181 -23.35 -4.47 9.54
N ARG A 182 -23.50 -4.89 8.29
CA ARG A 182 -24.68 -4.63 7.43
C ARG A 182 -25.13 -5.95 6.77
N ASP A 183 -26.42 -6.29 6.93
CA ASP A 183 -27.06 -7.52 6.37
C ASP A 183 -26.99 -7.49 4.85
N SER A 184 -27.22 -6.31 4.25
CA SER A 184 -27.24 -6.03 2.79
C SER A 184 -25.95 -6.52 2.10
N PHE A 185 -24.81 -6.46 2.80
CA PHE A 185 -23.46 -6.82 2.26
C PHE A 185 -23.29 -8.34 2.13
N ARG A 186 -24.05 -9.15 2.89
CA ARG A 186 -23.86 -10.63 3.01
C ARG A 186 -23.78 -11.29 1.62
N LYS A 187 -24.61 -10.88 0.66
CA LYS A 187 -24.80 -11.56 -0.65
C LYS A 187 -24.00 -10.86 -1.76
N LEU A 188 -23.10 -9.94 -1.43
CA LEU A 188 -22.10 -9.38 -2.40
C LEU A 188 -21.02 -10.41 -2.72
N GLY A 189 -20.93 -11.51 -1.95
CA GLY A 189 -20.12 -12.69 -2.28
C GLY A 189 -20.41 -13.23 -3.66
N SER A 190 -21.67 -13.18 -4.11
CA SER A 190 -22.15 -13.76 -5.38
C SER A 190 -21.62 -12.96 -6.60
N LEU A 191 -21.09 -11.75 -6.41
CA LEU A 191 -20.53 -10.90 -7.52
C LEU A 191 -19.45 -11.66 -8.30
N LYS A 192 -18.51 -12.33 -7.60
CA LYS A 192 -17.40 -13.10 -8.25
C LYS A 192 -17.97 -14.37 -8.89
N THR A 193 -18.99 -15.00 -8.28
CA THR A 193 -19.74 -16.15 -8.85
C THR A 193 -20.42 -15.69 -10.15
N ALA A 194 -21.12 -14.55 -10.10
CA ALA A 194 -21.80 -13.91 -11.25
C ALA A 194 -20.78 -13.39 -12.26
N LEU A 195 -19.75 -12.69 -11.78
CA LEU A 195 -18.75 -11.95 -12.60
C LEU A 195 -17.34 -12.30 -12.10
N PRO A 196 -16.79 -13.47 -12.48
CA PRO A 196 -15.44 -13.86 -12.06
C PRO A 196 -14.33 -13.09 -12.78
N MET A 197 -14.61 -12.51 -13.95
CA MET A 197 -13.65 -11.76 -14.80
C MET A 197 -13.52 -10.30 -14.33
N VAL A 198 -14.56 -9.73 -13.72
CA VAL A 198 -14.61 -8.28 -13.35
C VAL A 198 -13.85 -8.09 -12.04
N PRO A 199 -12.89 -7.15 -11.95
CA PRO A 199 -12.17 -6.90 -10.71
C PRO A 199 -12.99 -6.08 -9.70
N ILE A 200 -12.90 -6.47 -8.42
CA ILE A 200 -13.55 -5.76 -7.28
C ILE A 200 -12.50 -4.95 -6.53
N VAL A 201 -12.74 -3.64 -6.35
CA VAL A 201 -11.94 -2.73 -5.49
C VAL A 201 -12.73 -2.53 -4.20
N ALA A 202 -12.35 -3.25 -3.14
CA ALA A 202 -12.93 -3.15 -1.78
C ALA A 202 -12.24 -1.99 -1.07
N LEU A 203 -12.99 -0.97 -0.63
CA LEU A 203 -12.46 0.21 0.09
C LEU A 203 -12.99 0.23 1.52
N THR A 204 -12.13 0.64 2.46
CA THR A 204 -12.41 0.69 3.91
C THR A 204 -11.43 1.65 4.61
N ALA A 205 -11.74 2.02 5.85
CA ALA A 205 -10.97 2.98 6.68
C ALA A 205 -10.45 2.32 7.96
N THR A 206 -10.33 0.98 7.99
CA THR A 206 -9.77 0.21 9.13
C THR A 206 -8.55 -0.58 8.64
N ALA A 207 -7.45 -0.50 9.39
CA ALA A 207 -6.17 -1.22 9.13
C ALA A 207 -6.12 -2.52 9.95
N SER A 208 -7.26 -2.99 10.45
CA SER A 208 -7.43 -4.31 11.12
C SER A 208 -7.11 -5.43 10.12
N SER A 209 -6.11 -6.25 10.42
CA SER A 209 -5.63 -7.40 9.61
C SER A 209 -6.71 -8.49 9.54
N SER A 210 -7.48 -8.69 10.62
CA SER A 210 -8.55 -9.71 10.73
C SER A 210 -9.75 -9.33 9.84
N ILE A 211 -10.11 -8.03 9.79
CA ILE A 211 -11.27 -7.53 8.99
C ILE A 211 -10.96 -7.68 7.48
N ARG A 212 -9.74 -7.38 7.03
CA ARG A 212 -9.40 -7.49 5.59
C ARG A 212 -9.41 -8.96 5.16
N GLU A 213 -9.03 -9.90 6.06
CA GLU A 213 -9.18 -11.36 5.84
C GLU A 213 -10.67 -11.72 5.70
N ASP A 214 -11.55 -11.07 6.47
CA ASP A 214 -13.03 -11.21 6.35
C ASP A 214 -13.49 -10.64 4.99
N ILE A 215 -12.98 -9.46 4.62
CA ILE A 215 -13.31 -8.77 3.33
C ILE A 215 -12.89 -9.67 2.16
N VAL A 216 -11.64 -10.14 2.13
CA VAL A 216 -11.08 -10.98 1.04
C VAL A 216 -11.88 -12.29 0.96
N ARG A 217 -12.21 -12.88 2.11
CA ARG A 217 -12.97 -14.15 2.22
C ARG A 217 -14.39 -13.94 1.70
N CYS A 218 -15.13 -13.01 2.31
CA CYS A 218 -16.59 -12.83 2.10
C CYS A 218 -16.89 -12.30 0.69
N LEU A 219 -16.02 -11.45 0.12
CA LEU A 219 -16.16 -10.92 -1.26
C LEU A 219 -15.60 -11.94 -2.26
N ASN A 220 -14.90 -12.96 -1.79
CA ASN A 220 -14.45 -14.11 -2.62
C ASN A 220 -13.36 -13.61 -3.58
N LEU A 221 -12.46 -12.74 -3.10
CA LEU A 221 -11.42 -12.06 -3.91
C LEU A 221 -10.25 -13.02 -4.18
N ARG A 222 -9.59 -12.87 -5.33
CA ARG A 222 -8.50 -13.74 -5.81
C ARG A 222 -7.20 -12.92 -5.91
N ASN A 223 -6.16 -13.35 -5.17
CA ASN A 223 -4.78 -12.78 -5.16
C ASN A 223 -4.83 -11.26 -5.07
N PRO A 224 -5.54 -10.68 -4.08
CA PRO A 224 -5.85 -9.26 -4.09
C PRO A 224 -4.65 -8.36 -3.71
N GLN A 225 -4.44 -7.30 -4.48
CA GLN A 225 -3.48 -6.20 -4.15
C GLN A 225 -4.00 -5.46 -2.91
N ILE A 226 -3.18 -5.39 -1.87
CA ILE A 226 -3.46 -4.72 -0.57
C ILE A 226 -2.65 -3.42 -0.57
N THR A 227 -3.30 -2.30 -0.25
CA THR A 227 -2.68 -0.95 -0.13
C THR A 227 -3.26 -0.25 1.08
N CYS A 228 -2.48 0.64 1.68
CA CYS A 228 -2.75 1.27 3.00
C CYS A 228 -2.19 2.70 2.96
N THR A 229 -3.06 3.71 2.90
CA THR A 229 -2.68 5.14 2.74
C THR A 229 -3.59 6.05 3.56
N GLY A 230 -3.16 7.30 3.77
CA GLY A 230 -3.87 8.33 4.55
C GLY A 230 -3.42 8.39 6.00
N PHE A 231 -2.60 7.42 6.45
CA PHE A 231 -2.06 7.33 7.84
C PHE A 231 -0.71 8.04 7.91
N ASP A 232 -0.50 8.87 8.95
CA ASP A 232 0.72 9.70 9.15
C ASP A 232 1.75 8.98 10.05
N ARG A 233 1.41 7.80 10.60
CA ARG A 233 2.28 6.92 11.43
C ARG A 233 3.16 7.76 12.37
N PRO A 234 2.56 8.53 13.31
CA PRO A 234 3.33 9.44 14.17
C PRO A 234 4.25 8.74 15.17
N ASN A 235 4.04 7.44 15.43
CA ASN A 235 4.82 6.60 16.38
C ASN A 235 6.09 6.02 15.73
N LEU A 236 6.41 6.34 14.48
CA LEU A 236 7.69 5.95 13.81
C LEU A 236 8.68 7.13 13.83
N TYR A 237 9.83 6.94 14.47
CA TYR A 237 11.01 7.84 14.37
C TYR A 237 11.89 7.33 13.23
N LEU A 238 12.38 8.24 12.37
CA LEU A 238 13.23 7.91 11.20
C LEU A 238 14.63 8.50 11.44
N GLU A 239 15.67 7.71 11.22
CA GLU A 239 17.07 8.19 11.26
C GLU A 239 17.84 7.57 10.09
N VAL A 240 18.75 8.35 9.51
CA VAL A 240 19.80 7.88 8.57
C VAL A 240 21.15 8.18 9.23
N ARG A 241 22.13 7.31 9.01
CA ARG A 241 23.39 7.26 9.79
C ARG A 241 24.45 6.58 8.93
N ARG A 242 25.63 7.18 8.79
CA ARG A 242 26.76 6.59 8.03
C ARG A 242 27.13 5.25 8.66
N LYS A 243 27.30 4.23 7.81
CA LYS A 243 27.83 2.88 8.16
C LYS A 243 29.36 2.96 8.05
N THR A 244 30.07 2.35 9.00
CA THR A 244 31.56 2.31 9.05
C THR A 244 32.06 1.13 8.20
N GLY A 245 31.76 -0.09 8.64
CA GLY A 245 32.27 -1.35 8.07
C GLY A 245 32.13 -2.51 9.05
N ASN A 246 32.65 -2.34 10.27
CA ASN A 246 32.52 -3.34 11.36
C ASN A 246 31.04 -3.46 11.74
N ILE A 247 30.49 -4.68 11.63
CA ILE A 247 29.05 -5.00 11.89
C ILE A 247 28.75 -4.72 13.36
N LEU A 248 29.52 -5.33 14.28
CA LEU A 248 29.27 -5.26 15.75
C LEU A 248 29.36 -3.81 16.23
N GLN A 249 30.32 -3.02 15.70
CA GLN A 249 30.44 -1.56 15.96
C GLN A 249 29.11 -0.88 15.62
N ASP A 250 28.56 -1.18 14.44
CA ASP A 250 27.37 -0.51 13.86
C ASP A 250 26.11 -0.83 14.67
N LEU A 251 25.97 -2.07 15.18
CA LEU A 251 24.74 -2.55 15.87
C LEU A 251 24.85 -2.37 17.38
N GLN A 252 26.07 -2.21 17.94
CA GLN A 252 26.32 -2.07 19.40
C GLN A 252 25.41 -1.00 20.00
N PRO A 253 25.27 0.21 19.40
CA PRO A 253 24.32 1.22 19.89
C PRO A 253 22.89 0.74 20.18
N PHE A 254 22.39 -0.28 19.46
CA PHE A 254 21.00 -0.80 19.53
C PHE A 254 20.89 -1.95 20.54
N LEU A 255 22.01 -2.40 21.13
CA LEU A 255 22.06 -3.63 21.95
C LEU A 255 22.11 -3.25 23.44
N VAL A 256 21.49 -4.09 24.28
CA VAL A 256 21.54 -4.03 25.77
C VAL A 256 21.73 -5.46 26.30
N LYS A 257 22.75 -5.68 27.14
CA LYS A 257 23.04 -7.01 27.74
C LYS A 257 22.15 -7.20 28.98
N THR A 258 21.66 -8.44 29.17
CA THR A 258 20.93 -8.90 30.39
C THR A 258 21.51 -10.27 30.77
N SER A 259 22.43 -10.29 31.76
CA SER A 259 23.27 -11.45 32.16
C SER A 259 24.37 -11.68 31.11
N SER A 260 24.65 -12.93 30.73
CA SER A 260 25.65 -13.31 29.69
C SER A 260 25.20 -12.82 28.31
N HIS A 261 23.93 -13.07 27.94
CA HIS A 261 23.39 -12.85 26.58
C HIS A 261 23.10 -11.37 26.32
N TRP A 262 22.89 -11.03 25.04
CA TRP A 262 22.55 -9.67 24.52
C TRP A 262 21.16 -9.69 23.87
N GLU A 263 20.52 -8.52 23.75
CA GLU A 263 19.17 -8.37 23.14
C GLU A 263 18.90 -6.91 22.76
N PHE A 264 18.06 -6.71 21.74
CA PHE A 264 17.48 -5.39 21.34
C PHE A 264 16.38 -5.02 22.35
N GLU A 265 15.91 -3.78 22.29
CA GLU A 265 14.91 -3.24 23.26
C GLU A 265 13.53 -3.87 23.02
N GLY A 266 13.27 -4.38 21.81
CA GLY A 266 12.03 -5.10 21.46
C GLY A 266 12.20 -5.93 20.19
N PRO A 267 11.09 -6.47 19.62
CA PRO A 267 11.12 -7.14 18.32
C PRO A 267 11.75 -6.28 17.21
N THR A 268 12.68 -6.85 16.44
CA THR A 268 13.65 -6.12 15.59
C THR A 268 13.81 -6.83 14.23
N ILE A 269 13.78 -6.08 13.12
CA ILE A 269 13.99 -6.59 11.74
C ILE A 269 15.17 -5.86 11.11
N ILE A 270 16.17 -6.59 10.60
CA ILE A 270 17.40 -6.03 9.98
C ILE A 270 17.47 -6.49 8.51
N TYR A 271 16.87 -5.72 7.61
CA TYR A 271 16.88 -5.95 6.14
C TYR A 271 18.27 -5.63 5.59
N CYS A 272 18.87 -6.57 4.83
CA CYS A 272 20.17 -6.42 4.14
C CYS A 272 19.97 -6.60 2.64
N PRO A 273 20.73 -5.89 1.76
CA PRO A 273 20.55 -5.96 0.31
C PRO A 273 20.95 -7.29 -0.35
N SER A 274 21.97 -7.98 0.20
CA SER A 274 22.52 -9.26 -0.32
C SER A 274 22.19 -10.41 0.64
N ARG A 275 22.20 -11.64 0.13
CA ARG A 275 21.98 -12.89 0.92
C ARG A 275 23.23 -13.18 1.78
N LYS A 276 24.42 -12.81 1.27
CA LYS A 276 25.72 -12.95 1.97
C LYS A 276 25.68 -12.19 3.28
N MET A 277 25.15 -10.95 3.26
CA MET A 277 25.15 -10.01 4.40
C MET A 277 24.31 -10.56 5.56
N THR A 278 23.14 -11.12 5.25
CA THR A 278 22.21 -11.69 6.26
C THR A 278 22.91 -12.80 7.05
N GLN A 279 23.71 -13.64 6.39
CA GLN A 279 24.52 -14.71 7.02
C GLN A 279 25.58 -14.07 7.92
N GLN A 280 26.34 -13.11 7.39
CA GLN A 280 27.41 -12.36 8.12
C GLN A 280 26.83 -11.74 9.39
N VAL A 281 25.86 -10.82 9.23
CA VAL A 281 25.23 -10.03 10.34
C VAL A 281 24.69 -10.99 11.40
N THR A 282 23.97 -12.05 10.99
CA THR A 282 23.44 -13.10 11.90
C THR A 282 24.60 -13.83 12.60
N GLY A 283 25.72 -14.05 11.90
CA GLY A 283 26.94 -14.70 12.41
C GLY A 283 27.44 -14.03 13.69
N GLU A 284 27.72 -12.73 13.62
CA GLU A 284 28.34 -11.96 14.74
C GLU A 284 27.30 -11.65 15.82
N LEU A 285 26.02 -11.51 15.45
CA LEU A 285 24.91 -11.32 16.43
C LEU A 285 24.71 -12.61 17.26
N ARG A 286 25.03 -13.78 16.69
CA ARG A 286 24.94 -15.09 17.40
C ARG A 286 26.02 -15.15 18.50
N LYS A 287 27.21 -14.58 18.26
CA LYS A 287 28.40 -14.64 19.16
C LYS A 287 28.08 -14.02 20.54
N LEU A 288 27.05 -13.17 20.62
CA LEU A 288 26.57 -12.54 21.88
C LEU A 288 25.39 -13.31 22.46
N ASN A 289 25.05 -14.49 21.91
CA ASN A 289 23.92 -15.37 22.31
C ASN A 289 22.59 -14.64 22.13
N LEU A 290 22.46 -13.84 21.05
CA LEU A 290 21.24 -13.05 20.76
C LEU A 290 20.19 -13.96 20.09
N SER A 291 18.94 -13.85 20.55
CA SER A 291 17.78 -14.67 20.09
C SER A 291 17.34 -14.21 18.70
N CYS A 292 18.01 -14.71 17.65
CA CYS A 292 17.88 -14.22 16.25
C CYS A 292 17.95 -15.38 15.25
N GLY A 293 17.51 -15.13 14.01
CA GLY A 293 17.49 -16.12 12.90
C GLY A 293 17.36 -15.46 11.53
N THR A 294 17.86 -16.13 10.48
CA THR A 294 17.89 -15.65 9.07
C THR A 294 16.57 -15.98 8.37
N TYR A 295 16.27 -15.26 7.27
CA TYR A 295 15.07 -15.42 6.40
C TYR A 295 15.39 -14.80 5.03
N HIS A 296 15.90 -15.61 4.09
CA HIS A 296 16.43 -15.14 2.78
C HIS A 296 15.80 -15.94 1.63
N ALA A 297 16.18 -15.63 0.39
CA ALA A 297 15.64 -16.21 -0.86
C ALA A 297 16.02 -17.70 -0.96
N GLY A 298 17.32 -18.00 -0.96
CA GLY A 298 17.88 -19.36 -1.16
C GLY A 298 17.67 -20.28 0.04
N MET A 299 16.41 -20.61 0.37
CA MET A 299 16.04 -21.60 1.40
C MET A 299 14.61 -22.12 1.16
N SER A 300 14.19 -23.14 1.90
CA SER A 300 12.90 -23.86 1.76
C SER A 300 11.78 -23.09 2.48
N PHE A 301 10.57 -23.08 1.88
CA PHE A 301 9.33 -22.48 2.45
C PHE A 301 8.71 -23.47 3.45
N SER A 302 9.43 -23.72 4.54
CA SER A 302 9.16 -24.78 5.55
C SER A 302 9.82 -24.40 6.88
N THR A 303 11.13 -24.18 6.87
CA THR A 303 11.92 -23.52 7.95
C THR A 303 11.40 -22.10 8.16
N ARG A 304 11.09 -21.40 7.07
CA ARG A 304 10.51 -20.02 7.03
C ARG A 304 9.22 -19.95 7.88
N LYS A 305 8.35 -20.97 7.77
CA LYS A 305 7.01 -21.02 8.41
C LYS A 305 7.14 -20.90 9.94
N ASP A 306 8.12 -21.58 10.55
CA ASP A 306 8.36 -21.61 12.01
C ASP A 306 8.89 -20.25 12.48
N ILE A 307 9.86 -19.67 11.75
CA ILE A 307 10.52 -18.36 12.06
C ILE A 307 9.44 -17.31 12.34
N HIS A 308 8.43 -17.21 11.47
CA HIS A 308 7.20 -16.39 11.66
C HIS A 308 6.58 -16.69 13.04
N HIS A 309 6.13 -17.93 13.25
CA HIS A 309 5.40 -18.41 14.45
C HIS A 309 6.24 -18.15 15.72
N ARG A 310 7.56 -18.33 15.64
CA ARG A 310 8.55 -17.99 16.71
C ARG A 310 8.49 -16.48 17.00
N PHE A 311 8.61 -15.68 15.93
CA PHE A 311 8.72 -14.19 15.96
C PHE A 311 7.39 -13.56 16.41
N VAL A 312 6.25 -14.12 15.99
CA VAL A 312 4.88 -13.66 16.41
C VAL A 312 4.70 -13.94 17.91
N ARG A 313 5.16 -15.11 18.39
CA ARG A 313 5.04 -15.55 19.81
C ARG A 313 6.21 -15.04 20.66
N ASP A 314 7.09 -14.20 20.10
CA ASP A 314 8.24 -13.54 20.80
C ASP A 314 9.22 -14.61 21.32
N GLU A 315 9.34 -15.74 20.61
CA GLU A 315 10.25 -16.86 20.99
C GLU A 315 11.68 -16.44 20.62
N ILE A 316 11.87 -15.90 19.42
CA ILE A 316 13.09 -15.12 19.02
C ILE A 316 12.74 -13.64 18.94
N GLN A 317 13.71 -12.77 19.21
CA GLN A 317 13.53 -11.29 19.33
C GLN A 317 13.83 -10.62 17.99
N CYS A 318 14.93 -11.00 17.33
CA CYS A 318 15.43 -10.38 16.08
C CYS A 318 15.23 -11.33 14.89
N VAL A 319 15.09 -10.75 13.69
CA VAL A 319 15.05 -11.47 12.37
C VAL A 319 15.91 -10.68 11.40
N ILE A 320 16.97 -11.30 10.85
CA ILE A 320 17.92 -10.67 9.87
C ILE A 320 17.58 -11.24 8.49
N ALA A 321 16.89 -10.45 7.65
CA ALA A 321 16.22 -10.90 6.41
C ALA A 321 16.64 -10.05 5.21
N THR A 322 16.10 -10.40 4.03
CA THR A 322 16.14 -9.60 2.77
C THR A 322 14.72 -9.08 2.50
N ILE A 323 14.51 -8.46 1.33
CA ILE A 323 13.18 -7.97 0.82
C ILE A 323 12.10 -9.06 0.97
N ALA A 324 12.47 -10.34 0.91
CA ALA A 324 11.57 -11.53 0.95
C ALA A 324 10.65 -11.51 2.18
N PHE A 325 11.19 -11.27 3.37
CA PHE A 325 10.43 -11.26 4.66
C PHE A 325 9.60 -9.98 4.73
N GLY A 326 8.31 -10.07 5.07
CA GLY A 326 7.49 -8.88 5.36
C GLY A 326 6.02 -9.02 4.99
N MET A 327 5.72 -9.49 3.77
CA MET A 327 4.37 -9.38 3.15
C MET A 327 3.28 -9.91 4.09
N GLY A 328 3.48 -11.07 4.71
CA GLY A 328 2.51 -11.73 5.60
C GLY A 328 2.64 -11.35 7.07
N ILE A 329 3.61 -10.49 7.45
CA ILE A 329 3.87 -10.07 8.86
C ILE A 329 2.64 -9.30 9.37
N ASN A 330 2.04 -9.75 10.48
CA ASN A 330 0.88 -9.10 11.14
C ASN A 330 1.25 -8.71 12.58
N LYS A 331 2.55 -8.64 12.90
CA LYS A 331 3.07 -8.40 14.27
C LYS A 331 2.85 -6.94 14.66
N ALA A 332 2.10 -6.70 15.74
CA ALA A 332 1.68 -5.37 16.23
C ALA A 332 2.87 -4.63 16.86
N ASP A 333 3.77 -5.36 17.54
CA ASP A 333 4.76 -4.81 18.52
C ASP A 333 6.19 -4.85 17.96
N ILE A 334 6.38 -4.54 16.67
CA ILE A 334 7.73 -4.38 16.06
C ILE A 334 8.28 -3.01 16.50
N ARG A 335 9.35 -3.01 17.29
CA ARG A 335 9.90 -1.80 17.96
C ARG A 335 11.03 -1.17 17.15
N GLN A 336 11.76 -1.96 16.36
CA GLN A 336 12.94 -1.47 15.60
C GLN A 336 12.97 -2.13 14.21
N VAL A 337 13.07 -1.31 13.15
CA VAL A 337 13.53 -1.74 11.81
C VAL A 337 14.87 -1.05 11.54
N ILE A 338 15.85 -1.82 11.05
CA ILE A 338 17.23 -1.36 10.70
C ILE A 338 17.49 -1.83 9.26
N HIS A 339 17.87 -0.92 8.36
CA HIS A 339 18.31 -1.25 7.00
C HIS A 339 19.84 -1.28 7.00
N TYR A 340 20.43 -2.45 7.26
CA TYR A 340 21.91 -2.62 7.20
C TYR A 340 22.32 -2.53 5.73
N GLY A 341 22.53 -1.30 5.27
CA GLY A 341 22.80 -0.93 3.86
C GLY A 341 21.61 -0.20 3.26
N ALA A 342 21.87 0.78 2.38
CA ALA A 342 20.86 1.59 1.66
C ALA A 342 19.83 0.65 1.03
N PRO A 343 18.50 0.94 1.10
CA PRO A 343 17.50 0.06 0.51
C PRO A 343 17.44 0.23 -1.03
N LYS A 344 16.84 -0.76 -1.71
CA LYS A 344 16.67 -0.79 -3.19
C LYS A 344 16.11 0.54 -3.68
N ASP A 345 14.99 0.97 -3.09
CA ASP A 345 14.29 2.22 -3.47
C ASP A 345 13.30 2.63 -2.37
N MET A 346 12.61 3.76 -2.59
CA MET A 346 11.66 4.35 -1.62
C MET A 346 10.40 3.49 -1.52
N GLU A 347 9.93 2.92 -2.63
CA GLU A 347 8.82 1.94 -2.68
C GLU A 347 9.06 0.84 -1.64
N SER A 348 10.17 0.11 -1.78
CA SER A 348 10.56 -1.03 -0.91
C SER A 348 10.74 -0.55 0.54
N TYR A 349 11.37 0.61 0.72
CA TYR A 349 11.64 1.27 2.02
C TYR A 349 10.33 1.59 2.76
N TYR A 350 9.37 2.20 2.05
CA TYR A 350 8.00 2.54 2.55
C TYR A 350 7.31 1.28 3.09
N GLN A 351 7.48 0.14 2.39
CA GLN A 351 6.82 -1.15 2.73
C GLN A 351 7.47 -1.69 4.00
N GLU A 352 8.80 -1.72 4.02
CA GLU A 352 9.64 -2.30 5.11
C GLU A 352 9.36 -1.52 6.42
N ILE A 353 9.42 -0.19 6.41
CA ILE A 353 9.23 0.65 7.63
C ILE A 353 7.76 0.59 8.08
N GLY A 354 6.81 0.50 7.14
CA GLY A 354 5.35 0.45 7.41
C GLY A 354 4.95 -0.69 8.34
N ARG A 355 5.73 -1.78 8.39
CA ARG A 355 5.51 -2.96 9.27
C ARG A 355 5.80 -2.62 10.75
N ALA A 356 6.62 -1.59 11.03
CA ALA A 356 7.06 -1.23 12.40
C ALA A 356 5.90 -0.59 13.16
N GLY A 357 5.83 -0.85 14.48
CA GLY A 357 4.93 -0.19 15.45
C GLY A 357 3.49 -0.12 14.98
N ARG A 358 2.89 -1.26 14.60
CA ARG A 358 1.47 -1.36 14.17
C ARG A 358 0.53 -1.16 15.37
N ASP A 359 0.97 -1.51 16.58
CA ASP A 359 0.23 -1.30 17.86
C ASP A 359 0.02 0.21 18.13
N GLY A 360 0.81 1.08 17.49
CA GLY A 360 0.71 2.54 17.63
C GLY A 360 1.64 3.08 18.73
N LEU A 361 2.50 2.22 19.28
CA LEU A 361 3.50 2.59 20.34
C LEU A 361 4.81 3.00 19.66
N GLN A 362 5.64 3.75 20.39
CA GLN A 362 6.91 4.35 19.86
C GLN A 362 7.78 3.25 19.27
N SER A 363 8.13 3.37 17.99
CA SER A 363 9.12 2.53 17.28
C SER A 363 10.11 3.43 16.53
N SER A 364 11.20 2.84 16.04
CA SER A 364 12.32 3.52 15.35
C SER A 364 12.67 2.77 14.06
N CYS A 365 13.03 3.53 13.03
CA CYS A 365 13.41 3.02 11.68
C CYS A 365 14.73 3.67 11.26
N HIS A 366 15.84 2.94 11.42
CA HIS A 366 17.22 3.41 11.17
C HIS A 366 17.72 2.86 9.84
N VAL A 367 18.23 3.71 8.96
CA VAL A 367 19.10 3.30 7.82
C VAL A 367 20.56 3.48 8.25
N LEU A 368 21.37 2.44 8.05
CA LEU A 368 22.86 2.46 8.17
C LEU A 368 23.43 2.21 6.78
N TRP A 369 23.93 3.25 6.10
CA TRP A 369 24.38 3.17 4.68
C TRP A 369 25.84 3.59 4.55
N ALA A 370 26.54 3.08 3.54
CA ALA A 370 27.86 3.55 3.04
C ALA A 370 27.81 3.68 1.52
N PRO A 371 28.70 4.50 0.89
CA PRO A 371 28.68 4.68 -0.56
C PRO A 371 28.85 3.40 -1.39
N ALA A 372 29.56 2.40 -0.85
CA ALA A 372 29.85 1.09 -1.47
C ALA A 372 28.72 0.09 -1.17
N ASP A 373 27.45 0.51 -1.32
CA ASP A 373 26.26 -0.36 -1.24
C ASP A 373 25.73 -0.57 -2.66
N ILE A 374 25.27 -1.80 -2.96
CA ILE A 374 24.91 -2.30 -4.32
C ILE A 374 23.73 -1.48 -4.90
N ASN A 375 22.95 -0.79 -4.06
CA ASN A 375 21.78 0.05 -4.46
C ASN A 375 22.18 1.53 -4.54
N LEU A 376 23.44 1.84 -4.90
CA LEU A 376 23.95 3.23 -5.06
C LEU A 376 24.76 3.38 -6.37
N ASN A 377 25.60 2.38 -6.71
CA ASN A 377 26.40 2.37 -7.97
C ASN A 377 25.46 2.36 -9.18
N ARG A 378 25.53 3.42 -10.01
CA ARG A 378 24.70 3.62 -11.22
C ARG A 378 25.18 2.68 -12.34
N HIS A 379 26.50 2.48 -12.47
CA HIS A 379 27.14 1.64 -13.52
C HIS A 379 27.04 0.14 -13.18
N LEU A 380 26.03 -0.26 -12.39
CA LEU A 380 25.56 -1.67 -12.22
C LEU A 380 24.30 -1.91 -13.05
N LEU A 381 23.44 -0.89 -13.22
CA LEU A 381 22.13 -0.97 -13.92
C LEU A 381 22.29 -0.75 -15.44
N THR A 382 23.49 -0.41 -15.93
CA THR A 382 23.80 -0.28 -17.38
C THR A 382 23.71 -1.65 -18.06
N GLU A 383 23.81 -2.75 -17.29
CA GLU A 383 23.51 -4.15 -17.72
C GLU A 383 22.10 -4.24 -18.32
N ILE A 384 21.12 -3.54 -17.75
CA ILE A 384 19.72 -3.47 -18.27
C ILE A 384 19.75 -2.67 -19.57
N ARG A 385 19.38 -3.30 -20.70
CA ARG A 385 19.43 -2.70 -22.06
C ARG A 385 18.05 -2.15 -22.48
N ASN A 386 16.96 -2.55 -21.79
CA ASN A 386 15.61 -1.92 -21.95
C ASN A 386 15.73 -0.46 -21.49
N GLU A 387 15.68 0.49 -22.43
CA GLU A 387 15.88 1.94 -22.22
C GLU A 387 14.96 2.44 -21.10
N LYS A 388 13.63 2.43 -21.34
CA LYS A 388 12.58 2.92 -20.41
C LYS A 388 12.86 2.45 -18.98
N PHE A 389 12.98 1.13 -18.78
CA PHE A 389 13.13 0.49 -17.45
C PHE A 389 14.45 0.93 -16.78
N ARG A 390 15.55 1.02 -17.55
CA ARG A 390 16.87 1.48 -17.04
C ARG A 390 16.73 2.89 -16.46
N LEU A 391 16.08 3.80 -17.20
CA LEU A 391 15.89 5.23 -16.81
C LEU A 391 15.03 5.30 -15.54
N TYR A 392 14.01 4.44 -15.41
CA TYR A 392 13.10 4.37 -14.24
C TYR A 392 13.91 4.00 -12.99
N LYS A 393 14.71 2.94 -13.07
CA LYS A 393 15.54 2.41 -11.96
C LYS A 393 16.58 3.44 -11.52
N LEU A 394 17.13 4.23 -12.45
CA LEU A 394 18.12 5.29 -12.13
C LEU A 394 17.46 6.45 -11.40
N LYS A 395 16.30 6.91 -11.87
CA LYS A 395 15.48 7.96 -11.18
C LYS A 395 15.16 7.51 -9.76
N MET A 396 14.80 6.24 -9.56
CA MET A 396 14.47 5.68 -8.23
C MET A 396 15.72 5.64 -7.34
N MET A 397 16.87 5.21 -7.87
CA MET A 397 18.16 5.15 -7.13
C MET A 397 18.59 6.56 -6.74
N ALA A 398 18.51 7.52 -7.67
CA ALA A 398 18.82 8.95 -7.47
C ALA A 398 17.96 9.53 -6.33
N LYS A 399 16.66 9.19 -6.32
CA LYS A 399 15.68 9.74 -5.37
C LYS A 399 15.91 9.14 -3.98
N MET A 400 16.19 7.85 -3.88
CA MET A 400 16.58 7.17 -2.62
C MET A 400 17.90 7.76 -2.12
N GLU A 401 18.86 8.05 -3.01
CA GLU A 401 20.14 8.72 -2.66
C GLU A 401 19.85 10.11 -2.09
N LYS A 402 19.00 10.89 -2.76
CA LYS A 402 18.61 12.27 -2.35
C LYS A 402 18.03 12.25 -0.93
N TYR A 403 17.19 11.25 -0.61
CA TYR A 403 16.58 11.05 0.74
C TYR A 403 17.66 10.80 1.80
N LEU A 404 18.62 9.92 1.53
CA LEU A 404 19.65 9.49 2.51
C LEU A 404 20.59 10.65 2.89
N HIS A 405 20.89 11.54 1.94
CA HIS A 405 21.82 12.69 2.08
C HIS A 405 21.09 13.92 2.62
N SER A 406 19.76 13.91 2.67
CA SER A 406 18.92 15.08 3.03
C SER A 406 19.21 15.54 4.46
N SER A 407 19.07 16.85 4.70
CA SER A 407 19.11 17.50 6.04
C SER A 407 17.72 18.07 6.35
N ARG A 408 16.71 17.63 5.59
CA ARG A 408 15.29 18.05 5.71
C ARG A 408 14.52 16.94 6.42
N CYS A 409 13.23 17.16 6.69
CA CYS A 409 12.36 16.28 7.49
C CYS A 409 12.11 14.99 6.70
N ARG A 410 12.55 13.86 7.25
CA ARG A 410 12.45 12.50 6.62
C ARG A 410 10.98 12.17 6.36
N ARG A 411 10.10 12.45 7.34
CA ARG A 411 8.63 12.27 7.27
C ARG A 411 8.05 13.11 6.14
N GLN A 412 8.47 14.37 6.00
CA GLN A 412 7.90 15.31 5.01
C GLN A 412 8.23 14.79 3.60
N ILE A 413 9.47 14.34 3.36
CA ILE A 413 9.92 13.77 2.06
C ILE A 413 9.02 12.57 1.72
N ILE A 414 8.80 11.67 2.68
CA ILE A 414 8.02 10.41 2.50
C ILE A 414 6.53 10.75 2.30
N LEU A 415 5.95 11.63 3.10
CA LEU A 415 4.52 12.00 2.92
C LEU A 415 4.36 12.69 1.55
N SER A 416 5.18 13.71 1.24
CA SER A 416 5.23 14.41 -0.07
C SER A 416 5.08 13.42 -1.23
N HIS A 417 5.90 12.36 -1.23
CA HIS A 417 6.06 11.44 -2.40
C HIS A 417 4.92 10.41 -2.47
N PHE A 418 4.43 9.90 -1.33
CA PHE A 418 3.50 8.75 -1.27
C PHE A 418 2.06 9.22 -0.99
N GLU A 419 1.86 10.09 0.00
CA GLU A 419 0.52 10.58 0.42
C GLU A 419 0.20 11.89 -0.31
N ASP A 420 -1.06 12.32 -0.31
CA ASP A 420 -1.52 13.59 -0.94
C ASP A 420 -1.30 14.74 0.05
N LYS A 421 -1.45 15.98 -0.42
CA LYS A 421 -1.12 17.24 0.29
C LYS A 421 -1.88 17.35 1.63
N GLN A 422 -3.10 16.82 1.70
CA GLN A 422 -4.03 16.96 2.85
C GLN A 422 -3.70 15.97 3.98
N VAL A 423 -2.73 15.06 3.77
CA VAL A 423 -2.18 14.15 4.82
C VAL A 423 -1.04 14.88 5.57
N GLN A 424 -0.28 15.74 4.87
CA GLN A 424 0.74 16.63 5.49
C GLN A 424 0.06 17.73 6.32
N LYS A 425 -1.02 18.30 5.78
CA LYS A 425 -1.88 19.33 6.46
C LYS A 425 -2.52 18.72 7.71
N ALA A 426 -3.15 17.55 7.57
CA ALA A 426 -3.85 16.81 8.65
C ALA A 426 -2.85 16.26 9.67
N SER A 427 -1.57 16.08 9.29
CA SER A 427 -0.48 15.62 10.19
C SER A 427 -0.16 16.73 11.21
N LEU A 428 -0.83 16.68 12.37
CA LEU A 428 -0.73 17.67 13.47
C LEU A 428 0.20 17.12 14.57
N GLY A 429 1.15 17.96 15.02
CA GLY A 429 1.94 17.75 16.26
C GLY A 429 2.78 16.48 16.23
N ILE A 430 3.54 16.27 15.16
CA ILE A 430 4.70 15.31 15.13
C ILE A 430 5.87 15.94 14.36
N MET A 431 5.65 16.44 13.14
CA MET A 431 6.72 17.03 12.30
C MET A 431 7.28 18.28 13.01
N GLY A 432 8.60 18.32 13.23
CA GLY A 432 9.29 19.38 13.99
C GLY A 432 9.73 18.91 15.37
N THR A 433 9.01 17.95 15.98
CA THR A 433 9.25 17.49 17.38
C THR A 433 10.48 16.56 17.39
N GLU A 434 10.98 16.25 18.58
CA GLU A 434 12.22 15.44 18.79
C GLU A 434 11.96 13.95 18.49
N LYS A 435 10.69 13.54 18.36
CA LYS A 435 10.29 12.15 18.01
C LYS A 435 10.05 11.98 16.49
N CYS A 436 10.17 13.03 15.66
CA CYS A 436 9.88 12.96 14.20
C CYS A 436 11.03 12.26 13.47
N CYS A 437 12.20 12.89 13.42
CA CYS A 437 13.37 12.37 12.67
C CYS A 437 14.66 13.05 13.13
N ASP A 438 15.79 12.40 12.86
CA ASP A 438 17.17 12.88 13.15
C ASP A 438 17.38 14.32 12.69
N ASN A 439 16.81 14.73 11.54
CA ASN A 439 17.02 16.08 10.97
C ASN A 439 16.18 17.11 11.74
N CYS A 440 14.93 16.75 12.10
CA CYS A 440 14.02 17.55 12.98
C CYS A 440 14.57 17.67 14.41
N ARG A 441 15.34 16.69 14.89
CA ARG A 441 15.95 16.73 16.25
C ARG A 441 17.00 17.84 16.31
N SER A 442 18.15 17.64 15.65
CA SER A 442 19.34 18.53 15.72
C SER A 442 19.01 19.91 15.14
#